data_8CES
#
_entry.id   8CES
#
_cell.length_a   51.606
_cell.length_b   84.055
_cell.length_c   154.054
_cell.angle_alpha   90.000
_cell.angle_beta   90.000
_cell.angle_gamma   90.000
#
_symmetry.space_group_name_H-M   'P 21 21 21'
#
loop_
_entity.id
_entity.type
_entity.pdbx_description
1 polymer "Cap-specific mRNA (nucleoside-2'-O-)-methyltransferase"
2 non-polymer '(2~{S})-2-azanyl-4-[[(2~{S},3~{S},4~{R},5~{R})-5-[4-azanyl-5-[2-(1~{H}-benzimidazol-2-yl)ethynyl]pyrrolo[2,3-d]pyrimidin-7-yl]-3,4-bis(oxidanyl)oxolan-2-yl]methylsulfanyl]butanoic acid'
3 water water
#
_entity_poly.entity_id   1
_entity_poly.type   'polypeptide(L)'
_entity_poly.pdbx_seq_one_letter_code
;MDVVSLDKPFMYFEEIDNELDYEPESANEVAKKLPYQGQLKLLLGELFFLSKLQRHGILDGATVVYIGSAPGTHIRYLRD
HFYNLGVIIKWMLIDGRHHDPILNGLRDVTLVTRFVDEEYLRSIKKQLHPSKIILISDVRSKRGGNEPSTADLLSNYALQ
NVMISILNPVASSLKWRCPFPDQWIKDFYIPHGNKMLQPFAPSYSAEMRLLSIYTGENMRLTRVTKSDAVNYEKKMYYLN
KIVRNKVVINFDYPNQEYDYFHMYFMLRTVYCNKTFPTTKAKILFLQQSIFRFLNIPTTSTEKVSHE
;
_entity_poly.pdbx_strand_id   A,B
#
# COMPACT_ATOMS: atom_id res chain seq x y z
N MET A 1 -18.91 39.62 -3.35
CA MET A 1 -19.27 38.32 -2.71
C MET A 1 -20.72 38.36 -2.22
N ASP A 2 -21.54 37.45 -2.74
CA ASP A 2 -22.94 37.38 -2.33
C ASP A 2 -23.04 37.20 -0.82
N VAL A 3 -23.99 37.91 -0.21
CA VAL A 3 -24.13 37.89 1.24
C VAL A 3 -24.94 36.68 1.65
N VAL A 4 -24.60 36.12 2.82
CA VAL A 4 -25.28 34.96 3.35
C VAL A 4 -25.29 35.09 4.87
N SER A 5 -26.26 34.42 5.49
CA SER A 5 -26.45 34.43 6.94
C SER A 5 -26.29 32.99 7.43
N LEU A 6 -25.26 32.74 8.25
CA LEU A 6 -24.93 31.39 8.69
C LEU A 6 -24.78 31.32 10.20
N ASP A 7 -25.18 30.16 10.77
CA ASP A 7 -24.95 29.84 12.18
C ASP A 7 -23.63 29.11 12.40
N LYS A 8 -23.12 28.42 11.39
CA LYS A 8 -21.86 27.68 11.50
C LYS A 8 -21.35 27.40 10.10
N PRO A 9 -20.05 27.24 9.91
CA PRO A 9 -19.53 26.81 8.61
C PRO A 9 -19.53 25.28 8.48
N PHE A 10 -19.18 24.83 7.28
CA PHE A 10 -18.97 23.42 7.03
C PHE A 10 -17.60 23.04 7.57
N MET A 11 -17.57 22.21 8.61
CA MET A 11 -16.32 21.77 9.22
C MET A 11 -15.81 20.46 8.65
N TYR A 12 -16.70 19.61 8.14
CA TYR A 12 -16.29 18.32 7.58
C TYR A 12 -17.00 18.08 6.26
N PHE A 13 -16.31 17.38 5.36
CA PHE A 13 -16.82 17.21 4.01
C PHE A 13 -18.25 16.69 4.02
N GLU A 14 -18.57 15.81 4.98
CA GLU A 14 -19.90 15.22 5.03
C GLU A 14 -20.99 16.29 5.10
N GLU A 15 -20.65 17.48 5.62
CA GLU A 15 -21.65 18.52 5.86
C GLU A 15 -22.03 19.31 4.61
N ILE A 16 -21.26 19.20 3.52
CA ILE A 16 -21.62 19.92 2.30
C ILE A 16 -22.96 19.39 1.80
N ASP A 17 -23.92 20.30 1.59
CA ASP A 17 -25.30 19.92 1.34
C ASP A 17 -25.78 20.28 -0.07
N ASN A 18 -24.86 20.54 -0.99
CA ASN A 18 -25.22 20.83 -2.38
C ASN A 18 -23.99 20.56 -3.24
N GLU A 19 -24.21 20.51 -4.55
CA GLU A 19 -23.12 20.21 -5.46
C GLU A 19 -23.28 21.01 -6.76
N LEU A 20 -22.18 21.11 -7.51
CA LEU A 20 -22.13 21.93 -8.71
C LEU A 20 -21.17 21.29 -9.70
N ASP A 21 -21.48 21.45 -10.99
CA ASP A 21 -20.68 20.85 -12.06
C ASP A 21 -19.37 21.59 -12.21
N TYR A 22 -18.26 20.91 -11.92
CA TYR A 22 -16.93 21.51 -11.99
C TYR A 22 -16.67 22.07 -13.38
N LEU A 34 -3.37 35.16 -0.60
CA LEU A 34 -2.69 35.63 0.60
C LEU A 34 -1.21 35.25 0.55
N PRO A 35 -0.36 36.00 1.25
CA PRO A 35 1.06 35.63 1.31
C PRO A 35 1.29 34.41 2.20
N TYR A 36 1.94 33.40 1.63
CA TYR A 36 2.22 32.12 2.30
C TYR A 36 0.93 31.52 2.86
N GLN A 37 -0.11 31.52 2.03
CA GLN A 37 -1.40 30.96 2.44
C GLN A 37 -1.29 29.48 2.75
N GLY A 38 -0.33 28.78 2.12
CA GLY A 38 -0.21 27.36 2.35
C GLY A 38 0.17 27.03 3.79
N GLN A 39 1.09 27.80 4.37
CA GLN A 39 1.46 27.59 5.76
C GLN A 39 0.27 27.85 6.68
N LEU A 40 -0.57 28.84 6.34
CA LEU A 40 -1.72 29.13 7.18
C LEU A 40 -2.71 27.97 7.15
N LYS A 41 -2.99 27.42 5.97
CA LYS A 41 -3.88 26.28 5.86
C LYS A 41 -3.39 25.10 6.71
N LEU A 42 -2.11 24.77 6.60
CA LEU A 42 -1.57 23.68 7.41
C LEU A 42 -1.68 24.01 8.90
N LEU A 43 -1.31 25.24 9.27
CA LEU A 43 -1.26 25.59 10.68
C LEU A 43 -2.63 25.46 11.33
N LEU A 44 -3.68 25.94 10.66
CA LEU A 44 -5.02 25.88 11.24
C LEU A 44 -5.46 24.44 11.41
N GLY A 45 -5.43 23.65 10.34
CA GLY A 45 -5.89 22.27 10.43
C GLY A 45 -5.13 21.45 11.45
N GLU A 46 -3.83 21.71 11.60
CA GLU A 46 -3.04 20.98 12.59
C GLU A 46 -3.25 21.52 13.99
N LEU A 47 -3.52 22.82 14.13
CA LEU A 47 -3.96 23.35 15.41
C LEU A 47 -5.33 22.79 15.78
N PHE A 48 -6.20 22.60 14.78
CA PHE A 48 -7.51 22.01 15.02
C PHE A 48 -7.38 20.56 15.45
N PHE A 49 -6.66 19.77 14.66
CA PHE A 49 -6.45 18.35 14.97
C PHE A 49 -5.82 18.17 16.33
N LEU A 50 -4.71 18.86 16.59
CA LEU A 50 -4.01 18.65 17.84
C LEU A 50 -4.79 19.22 19.03
N SER A 51 -5.60 20.25 18.80
CA SER A 51 -6.43 20.76 19.88
C SER A 51 -7.57 19.80 20.20
N LYS A 52 -8.12 19.12 19.18
CA LYS A 52 -9.12 18.08 19.46
C LYS A 52 -8.50 16.98 20.30
N LEU A 53 -7.28 16.57 19.97
CA LEU A 53 -6.60 15.55 20.76
C LEU A 53 -6.34 16.04 22.18
N GLN A 54 -6.02 17.33 22.34
CA GLN A 54 -5.85 17.87 23.67
C GLN A 54 -7.15 17.80 24.46
N ARG A 55 -8.27 18.09 23.81
CA ARG A 55 -9.56 17.97 24.49
C ARG A 55 -9.80 16.54 24.95
N HIS A 56 -9.38 15.56 24.16
CA HIS A 56 -9.55 14.16 24.52
C HIS A 56 -8.49 13.66 25.47
N GLY A 57 -7.67 14.56 26.02
CA GLY A 57 -6.68 14.17 27.00
C GLY A 57 -5.62 13.21 26.51
N ILE A 58 -5.43 13.10 25.19
CA ILE A 58 -4.47 12.15 24.65
C ILE A 58 -3.25 12.81 24.02
N LEU A 59 -3.25 14.13 23.86
CA LEU A 59 -2.08 14.78 23.28
C LEU A 59 -0.92 14.79 24.26
N ASP A 60 -1.20 14.94 25.55
CA ASP A 60 -0.13 15.08 26.53
C ASP A 60 0.65 13.77 26.64
N GLY A 61 1.97 13.89 26.69
CA GLY A 61 2.84 12.74 26.74
C GLY A 61 3.05 12.04 25.42
N ALA A 62 2.46 12.52 24.33
CA ALA A 62 2.58 11.89 23.04
C ALA A 62 3.82 12.40 22.31
N THR A 63 4.16 11.72 21.21
CA THR A 63 5.22 12.16 20.30
C THR A 63 4.60 12.37 18.93
N VAL A 64 4.72 13.58 18.40
CA VAL A 64 4.17 13.89 17.09
C VAL A 64 5.21 13.56 16.03
N VAL A 65 4.89 12.58 15.18
CA VAL A 65 5.74 12.19 14.06
C VAL A 65 5.13 12.81 12.81
N TYR A 66 5.78 13.83 12.28
CA TYR A 66 5.29 14.58 11.13
C TYR A 66 6.17 14.21 9.94
N ILE A 67 5.57 13.50 8.97
CA ILE A 67 6.27 13.02 7.79
C ILE A 67 5.86 13.89 6.61
N GLY A 68 6.83 14.30 5.79
CA GLY A 68 6.56 15.30 4.78
C GLY A 68 6.43 16.69 5.36
N SER A 69 7.29 17.04 6.32
CA SER A 69 7.14 18.20 7.17
C SER A 69 7.92 19.41 6.67
N ALA A 70 8.61 19.29 5.55
CA ALA A 70 9.51 20.36 5.16
C ALA A 70 8.86 21.23 4.09
N PRO A 71 9.11 22.55 4.11
CA PRO A 71 10.00 23.28 5.02
C PRO A 71 9.41 23.40 6.43
N GLY A 72 8.09 23.36 6.52
CA GLY A 72 7.42 23.32 7.81
C GLY A 72 7.64 24.56 8.65
N THR A 73 7.62 25.74 8.05
CA THR A 73 7.73 26.97 8.81
C THR A 73 6.69 27.01 9.92
N HIS A 74 5.44 26.66 9.59
CA HIS A 74 4.35 26.80 10.53
C HIS A 74 4.50 25.90 11.75
N ILE A 75 5.26 24.81 11.63
CA ILE A 75 5.36 23.87 12.74
C ILE A 75 5.96 24.56 13.95
N ARG A 76 6.80 25.58 13.75
CA ARG A 76 7.36 26.27 14.90
C ARG A 76 6.28 26.90 15.75
N TYR A 77 5.27 27.49 15.10
CA TYR A 77 4.16 28.08 15.85
C TYR A 77 3.40 27.00 16.61
N LEU A 78 3.20 25.84 15.98
CA LEU A 78 2.55 24.72 16.65
C LEU A 78 3.31 24.32 17.91
N ARG A 79 4.61 24.11 17.79
CA ARG A 79 5.37 23.71 18.98
C ARG A 79 5.29 24.78 20.07
N ASP A 80 5.56 26.03 19.71
CA ASP A 80 5.54 27.09 20.71
C ASP A 80 4.19 27.21 21.37
N HIS A 81 3.12 26.92 20.62
CA HIS A 81 1.78 26.96 21.18
C HIS A 81 1.61 25.94 22.30
N PHE A 82 1.93 24.68 22.03
CA PHE A 82 1.73 23.66 23.05
C PHE A 82 2.80 23.70 24.12
N TYR A 83 4.03 24.12 23.78
CA TYR A 83 5.03 24.29 24.80
C TYR A 83 4.60 25.34 25.82
N ASN A 84 3.96 26.41 25.36
CA ASN A 84 3.55 27.48 26.28
C ASN A 84 2.30 27.11 27.06
N LEU A 85 1.55 26.10 26.64
CA LEU A 85 0.45 25.56 27.43
C LEU A 85 0.90 24.54 28.46
N GLY A 86 2.17 24.18 28.47
CA GLY A 86 2.68 23.18 29.37
C GLY A 86 2.46 21.75 28.90
N VAL A 87 1.94 21.55 27.70
CA VAL A 87 1.67 20.21 27.20
C VAL A 87 2.99 19.58 26.77
N ILE A 88 3.29 18.41 27.34
CA ILE A 88 4.56 17.74 27.09
C ILE A 88 4.45 17.00 25.77
N ILE A 89 5.15 17.49 24.75
CA ILE A 89 5.12 16.93 23.42
C ILE A 89 6.55 16.89 22.89
N LYS A 90 6.93 15.77 22.31
CA LYS A 90 8.15 15.65 21.52
C LYS A 90 7.75 15.62 20.05
N TRP A 91 8.50 16.34 19.23
CA TRP A 91 8.26 16.35 17.79
C TRP A 91 9.38 15.59 17.10
N MET A 92 9.02 14.91 16.01
CA MET A 92 9.97 14.25 15.15
C MET A 92 9.57 14.57 13.72
N LEU A 93 10.33 15.45 13.07
CA LEU A 93 9.99 15.96 11.75
C LEU A 93 10.90 15.28 10.72
N ILE A 94 10.30 14.56 9.79
CA ILE A 94 11.03 13.71 8.85
C ILE A 94 10.69 14.15 7.44
N ASP A 95 11.72 14.43 6.65
CA ASP A 95 11.53 14.81 5.26
C ASP A 95 12.85 14.70 4.52
N GLY A 96 12.76 14.29 3.25
CA GLY A 96 13.94 14.31 2.40
C GLY A 96 14.50 15.71 2.19
N ARG A 97 13.62 16.71 2.18
CA ARG A 97 14.04 18.09 2.02
C ARG A 97 14.36 18.71 3.37
N HIS A 98 15.17 19.77 3.34
CA HIS A 98 15.59 20.44 4.55
C HIS A 98 14.48 21.32 5.08
N HIS A 99 14.35 21.35 6.40
CA HIS A 99 13.28 22.12 7.02
C HIS A 99 13.66 23.60 7.09
N ASP A 100 12.68 24.41 7.48
CA ASP A 100 12.92 25.83 7.68
C ASP A 100 13.85 26.01 8.88
N PRO A 101 14.93 26.80 8.74
CA PRO A 101 15.87 26.93 9.86
C PRO A 101 15.25 27.49 11.12
N ILE A 102 14.06 28.09 11.04
CA ILE A 102 13.39 28.58 12.23
C ILE A 102 13.05 27.45 13.20
N LEU A 103 13.15 26.20 12.73
CA LEU A 103 12.95 25.04 13.58
C LEU A 103 14.24 24.58 14.25
N ASN A 104 15.32 25.35 14.13
CA ASN A 104 16.60 24.94 14.70
C ASN A 104 16.67 25.27 16.19
N GLY A 105 17.48 24.49 16.90
CA GLY A 105 17.78 24.79 18.29
C GLY A 105 16.66 24.55 19.27
N LEU A 106 15.74 23.65 18.96
CA LEU A 106 14.62 23.31 19.85
C LEU A 106 14.83 21.88 20.35
N ARG A 107 15.14 21.73 21.64
CA ARG A 107 15.50 20.42 22.16
C ARG A 107 14.38 19.40 21.94
N ASP A 108 13.13 19.84 22.03
CA ASP A 108 11.99 18.94 21.90
C ASP A 108 11.56 18.71 20.46
N VAL A 109 12.24 19.32 19.48
CA VAL A 109 11.98 19.10 18.07
C VAL A 109 13.19 18.38 17.46
N THR A 110 12.94 17.20 16.91
CA THR A 110 13.97 16.39 16.29
C THR A 110 13.79 16.46 14.78
N LEU A 111 14.82 16.96 14.09
CA LEU A 111 14.80 17.13 12.65
C LEU A 111 15.51 15.96 11.98
N VAL A 112 14.84 15.34 11.01
CA VAL A 112 15.34 14.14 10.35
C VAL A 112 15.25 14.36 8.85
N THR A 113 16.40 14.28 8.17
CA THR A 113 16.47 14.50 6.72
C THR A 113 16.51 13.14 6.02
N ARG A 114 15.33 12.61 5.70
CA ARG A 114 15.24 11.29 5.11
C ARG A 114 13.88 11.10 4.46
N PHE A 115 13.86 10.43 3.30
CA PHE A 115 12.61 9.95 2.73
C PHE A 115 12.27 8.61 3.38
N VAL A 116 11.03 8.49 3.88
CA VAL A 116 10.65 7.32 4.66
C VAL A 116 10.21 6.20 3.72
N ASP A 117 10.57 4.97 4.09
CA ASP A 117 10.05 3.78 3.44
C ASP A 117 9.50 2.86 4.54
N GLU A 118 9.10 1.66 4.16
CA GLU A 118 8.64 0.69 5.15
C GLU A 118 9.75 0.39 6.16
N GLU A 119 10.95 0.08 5.68
CA GLU A 119 12.02 -0.32 6.59
C GLU A 119 12.28 0.76 7.65
N TYR A 120 12.26 2.02 7.24
CA TYR A 120 12.57 3.10 8.18
C TYR A 120 11.40 3.41 9.12
N LEU A 121 10.17 3.16 8.68
CA LEU A 121 9.04 3.25 9.59
C LEU A 121 9.13 2.20 10.69
N ARG A 122 9.60 1.01 10.36
CA ARG A 122 9.80 -0.01 11.39
C ARG A 122 10.76 0.48 12.46
N SER A 123 11.88 1.09 12.05
CA SER A 123 12.91 1.45 13.02
C SER A 123 12.50 2.63 13.87
N ILE A 124 11.76 3.59 13.32
CA ILE A 124 11.34 4.69 14.17
C ILE A 124 10.25 4.22 15.12
N LYS A 125 9.41 3.26 14.71
CA LYS A 125 8.50 2.64 15.68
C LYS A 125 9.29 2.00 16.81
N LYS A 126 10.31 1.20 16.48
CA LYS A 126 11.10 0.54 17.51
C LYS A 126 11.62 1.53 18.54
N GLN A 127 12.16 2.66 18.08
CA GLN A 127 12.82 3.60 18.99
C GLN A 127 11.83 4.47 19.76
N LEU A 128 10.56 4.52 19.35
CA LEU A 128 9.55 5.28 20.05
C LEU A 128 8.63 4.43 20.90
N HIS A 129 8.45 3.16 20.52
CA HIS A 129 7.63 2.24 21.31
C HIS A 129 8.16 2.13 22.73
N PRO A 130 7.29 2.11 23.75
CA PRO A 130 5.81 2.15 23.70
C PRO A 130 5.19 3.52 23.93
N SER A 131 5.82 4.59 23.47
CA SER A 131 5.28 5.94 23.62
C SER A 131 4.17 6.20 22.60
N LYS A 132 3.16 6.96 23.02
CA LYS A 132 2.08 7.35 22.12
C LYS A 132 2.62 8.07 20.90
N ILE A 133 2.17 7.67 19.73
CA ILE A 133 2.55 8.30 18.48
C ILE A 133 1.32 8.99 17.91
N ILE A 134 1.45 10.27 17.60
CA ILE A 134 0.49 11.00 16.78
C ILE A 134 1.15 11.23 15.42
N LEU A 135 0.50 10.77 14.37
CA LEU A 135 1.00 10.90 13.02
C LEU A 135 0.35 12.09 12.32
N ILE A 136 1.17 12.92 11.70
CA ILE A 136 0.70 13.92 10.74
C ILE A 136 1.49 13.71 9.46
N SER A 137 0.78 13.41 8.38
CA SER A 137 1.41 13.19 7.07
C SER A 137 0.99 14.29 6.09
N ASP A 138 1.98 14.76 5.32
CA ASP A 138 1.76 15.71 4.24
C ASP A 138 2.65 15.36 3.05
N VAL A 139 2.95 14.08 2.86
CA VAL A 139 3.87 13.68 1.80
C VAL A 139 3.20 13.86 0.44
N ARG A 140 3.98 14.28 -0.55
CA ARG A 140 3.49 14.42 -1.91
C ARG A 140 4.63 14.26 -2.90
N SER A 141 4.36 13.55 -3.98
CA SER A 141 5.37 13.22 -4.98
C SER A 141 5.09 13.94 -6.29
N GLU A 147 2.21 18.84 -11.62
CA GLU A 147 1.01 18.35 -10.94
C GLU A 147 1.03 16.82 -10.83
N PRO A 148 0.60 16.29 -9.68
CA PRO A 148 0.72 14.85 -9.46
C PRO A 148 -0.30 14.04 -10.25
N SER A 149 0.08 12.81 -10.58
CA SER A 149 -0.78 11.89 -11.30
C SER A 149 -1.60 11.04 -10.32
N THR A 150 -2.55 10.29 -10.86
CA THR A 150 -3.34 9.39 -10.03
C THR A 150 -2.49 8.26 -9.47
N ALA A 151 -1.47 7.83 -10.23
CA ALA A 151 -0.54 6.84 -9.71
C ALA A 151 0.30 7.41 -8.57
N ASP A 152 0.74 8.66 -8.71
CA ASP A 152 1.44 9.32 -7.61
C ASP A 152 0.57 9.31 -6.35
N LEU A 153 -0.71 9.66 -6.48
CA LEU A 153 -1.59 9.69 -5.31
C LEU A 153 -1.76 8.31 -4.71
N LEU A 154 -2.00 7.30 -5.55
CA LEU A 154 -2.20 5.95 -5.04
C LEU A 154 -0.96 5.47 -4.29
N SER A 155 0.22 5.78 -4.82
CA SER A 155 1.45 5.48 -4.08
C SER A 155 1.47 6.23 -2.76
N ASN A 156 1.17 7.53 -2.80
CA ASN A 156 1.19 8.33 -1.58
C ASN A 156 0.24 7.76 -0.53
N TYR A 157 -0.98 7.42 -0.92
CA TYR A 157 -1.97 6.97 0.05
C TYR A 157 -1.62 5.59 0.59
N ALA A 158 -1.12 4.71 -0.27
CA ALA A 158 -0.61 3.43 0.20
C ALA A 158 0.45 3.64 1.27
N LEU A 159 1.43 4.51 0.99
CA LEU A 159 2.47 4.78 1.96
C LEU A 159 1.89 5.27 3.28
N GLN A 160 0.81 6.05 3.21
CA GLN A 160 0.20 6.57 4.45
C GLN A 160 -0.50 5.46 5.23
N ASN A 161 -1.15 4.52 4.53
CA ASN A 161 -1.65 3.34 5.22
C ASN A 161 -0.48 2.55 5.83
N VAL A 162 0.63 2.46 5.10
CA VAL A 162 1.80 1.80 5.65
C VAL A 162 2.30 2.52 6.89
N MET A 163 2.16 3.85 6.93
CA MET A 163 2.53 4.58 8.14
C MET A 163 1.64 4.19 9.32
N ILE A 164 0.35 4.00 9.06
CA ILE A 164 -0.58 3.69 10.14
C ILE A 164 -0.43 2.25 10.60
N SER A 165 -0.25 1.33 9.65
CA SER A 165 -0.14 -0.07 10.03
C SER A 165 1.14 -0.34 10.82
N ILE A 166 2.21 0.41 10.56
CA ILE A 166 3.47 0.22 11.26
C ILE A 166 3.57 1.11 12.50
N LEU A 167 3.36 2.41 12.35
CA LEU A 167 3.49 3.31 13.49
C LEU A 167 2.32 3.17 14.46
N ASN A 168 1.17 2.66 14.01
CA ASN A 168 0.03 2.39 14.87
C ASN A 168 -0.28 3.60 15.75
N PRO A 169 -0.35 4.80 15.17
CA PRO A 169 -0.51 6.00 16.00
C PRO A 169 -1.84 5.99 16.73
N VAL A 170 -1.88 6.70 17.86
CA VAL A 170 -3.14 6.80 18.59
C VAL A 170 -4.10 7.70 17.83
N ALA A 171 -3.58 8.62 17.02
CA ALA A 171 -4.41 9.41 16.12
C ALA A 171 -3.56 9.80 14.92
N SER A 172 -4.23 10.14 13.82
CA SER A 172 -3.53 10.57 12.62
C SER A 172 -4.28 11.70 11.95
N SER A 173 -3.52 12.56 11.26
CA SER A 173 -4.03 13.46 10.25
C SER A 173 -3.29 13.17 8.95
N LEU A 174 -4.04 12.85 7.90
CA LEU A 174 -3.46 12.46 6.62
C LEU A 174 -3.94 13.35 5.50
N LYS A 175 -3.00 13.80 4.66
CA LYS A 175 -3.34 14.43 3.39
C LYS A 175 -4.32 13.56 2.61
N TRP A 176 -5.43 14.16 2.16
CA TRP A 176 -6.46 13.37 1.48
C TRP A 176 -7.11 14.24 0.40
N ARG A 177 -6.74 14.00 -0.85
CA ARG A 177 -7.46 14.55 -1.99
C ARG A 177 -7.76 13.40 -2.95
N CYS A 178 -9.04 13.13 -3.16
CA CYS A 178 -9.41 12.03 -4.04
C CYS A 178 -8.91 12.29 -5.46
N PRO A 179 -8.47 11.25 -6.17
CA PRO A 179 -8.16 11.42 -7.60
C PRO A 179 -9.38 11.87 -8.40
N PHE A 180 -9.13 12.69 -9.40
CA PHE A 180 -10.23 13.20 -10.22
C PHE A 180 -10.91 12.04 -10.95
N PRO A 181 -12.23 12.09 -11.12
CA PRO A 181 -12.91 10.96 -11.76
C PRO A 181 -12.45 10.69 -13.18
N ASP A 182 -12.04 11.73 -13.92
CA ASP A 182 -11.56 11.56 -15.27
C ASP A 182 -10.10 11.11 -15.35
N GLN A 183 -9.47 10.85 -14.21
CA GLN A 183 -8.13 10.27 -14.16
C GLN A 183 -8.11 8.99 -13.31
N TRP A 184 -9.27 8.36 -13.13
CA TRP A 184 -9.37 7.19 -12.28
C TRP A 184 -8.53 6.04 -12.83
N ILE A 185 -8.09 5.17 -11.93
CA ILE A 185 -7.30 4.00 -12.30
C ILE A 185 -7.94 2.76 -11.69
N LYS A 186 -8.13 2.78 -10.38
CA LYS A 186 -8.56 1.61 -9.63
C LYS A 186 -9.13 2.09 -8.32
N ASP A 187 -10.05 1.31 -7.75
CA ASP A 187 -10.49 1.57 -6.39
C ASP A 187 -9.35 1.28 -5.43
N PHE A 188 -9.29 2.07 -4.36
CA PHE A 188 -8.25 1.95 -3.35
C PHE A 188 -8.89 2.08 -1.98
N TYR A 189 -8.08 1.93 -0.93
CA TYR A 189 -8.57 1.95 0.44
C TYR A 189 -7.86 3.01 1.26
N ILE A 190 -8.62 3.71 2.10
CA ILE A 190 -8.10 4.71 3.03
C ILE A 190 -8.70 4.43 4.41
N PRO A 191 -8.08 4.95 5.47
CA PRO A 191 -8.61 4.71 6.81
C PRO A 191 -9.95 5.41 7.02
N HIS A 192 -10.73 4.87 7.96
CA HIS A 192 -11.88 5.62 8.45
C HIS A 192 -11.39 6.91 9.11
N GLY A 193 -12.30 7.87 9.23
CA GLY A 193 -11.97 9.14 9.82
C GLY A 193 -12.91 10.22 9.33
N ASN A 194 -12.79 11.39 9.96
CA ASN A 194 -13.53 12.57 9.54
C ASN A 194 -12.65 13.36 8.57
N LYS A 195 -13.29 13.88 7.52
CA LYS A 195 -12.58 14.56 6.44
C LYS A 195 -12.71 16.06 6.71
N MET A 196 -11.68 16.62 7.31
CA MET A 196 -11.72 17.99 7.79
C MET A 196 -11.46 18.96 6.64
N LEU A 197 -12.35 19.95 6.50
CA LEU A 197 -12.21 20.96 5.47
C LEU A 197 -11.21 22.02 5.89
N GLN A 198 -10.46 22.53 4.91
CA GLN A 198 -9.34 23.43 5.18
C GLN A 198 -9.62 24.84 4.70
N PRO A 199 -9.79 25.82 5.59
CA PRO A 199 -9.89 27.21 5.15
C PRO A 199 -8.55 27.68 4.62
N PHE A 200 -8.61 28.70 3.76
CA PHE A 200 -7.43 29.26 3.11
C PHE A 200 -6.67 28.18 2.34
N ALA A 201 -7.39 27.20 1.84
CA ALA A 201 -6.88 26.33 0.81
C ALA A 201 -6.81 27.08 -0.50
N PRO A 202 -6.11 26.56 -1.50
CA PRO A 202 -6.15 27.17 -2.84
C PRO A 202 -7.58 27.26 -3.36
N SER A 203 -7.81 28.26 -4.21
CA SER A 203 -9.17 28.66 -4.53
C SER A 203 -10.06 27.47 -4.85
N TYR A 204 -9.59 26.56 -5.70
CA TYR A 204 -10.38 25.42 -6.12
C TYR A 204 -9.67 24.10 -5.81
N SER A 205 -9.07 24.02 -4.64
CA SER A 205 -8.52 22.78 -4.14
C SER A 205 -9.64 21.88 -3.63
N ALA A 206 -9.49 20.57 -3.83
CA ALA A 206 -10.40 19.58 -3.27
C ALA A 206 -9.70 18.72 -2.22
N GLU A 207 -8.68 19.25 -1.57
CA GLU A 207 -7.93 18.54 -0.56
C GLU A 207 -8.53 18.78 0.81
N MET A 208 -8.64 17.71 1.59
CA MET A 208 -9.07 17.75 2.99
C MET A 208 -7.97 17.12 3.83
N ARG A 209 -8.18 17.07 5.15
CA ARG A 209 -7.33 16.31 6.06
C ARG A 209 -8.18 15.20 6.67
N LEU A 210 -7.73 13.95 6.51
CA LEU A 210 -8.43 12.81 7.08
C LEU A 210 -8.01 12.63 8.54
N LEU A 211 -8.90 12.93 9.47
CA LEU A 211 -8.62 12.86 10.89
C LEU A 211 -9.22 11.58 11.47
N SER A 212 -8.37 10.78 12.14
CA SER A 212 -8.78 9.52 12.71
C SER A 212 -8.30 9.40 14.16
N ILE A 213 -9.19 8.91 15.02
CA ILE A 213 -8.84 8.50 16.38
C ILE A 213 -9.02 6.99 16.46
N TYR A 214 -7.96 6.28 16.84
CA TYR A 214 -7.95 4.82 16.78
C TYR A 214 -8.31 4.25 18.14
N THR A 215 -9.21 3.27 18.13
CA THR A 215 -9.73 2.65 19.35
C THR A 215 -9.63 1.14 19.24
N MET A 219 -7.85 -0.12 13.06
CA MET A 219 -7.99 0.69 11.85
C MET A 219 -8.70 -0.09 10.75
N ARG A 220 -9.94 0.31 10.47
CA ARG A 220 -10.73 -0.26 9.40
C ARG A 220 -10.62 0.60 8.16
N LEU A 221 -10.35 -0.02 7.02
CA LEU A 221 -10.16 0.69 5.76
C LEU A 221 -11.49 0.83 5.01
N THR A 222 -11.56 1.85 4.15
CA THR A 222 -12.76 2.16 3.40
C THR A 222 -12.46 2.18 1.91
N ARG A 223 -13.32 1.54 1.14
CA ARG A 223 -13.18 1.54 -0.31
C ARG A 223 -13.56 2.91 -0.85
N VAL A 224 -12.74 3.44 -1.74
CA VAL A 224 -13.00 4.68 -2.46
C VAL A 224 -13.21 4.28 -3.91
N THR A 225 -14.36 4.65 -4.46
CA THR A 225 -14.76 4.29 -5.81
C THR A 225 -14.79 5.52 -6.70
N LYS A 226 -14.88 5.28 -8.02
CA LYS A 226 -14.92 6.37 -8.98
C LYS A 226 -16.11 7.28 -8.75
N SER A 227 -17.23 6.72 -8.26
CA SER A 227 -18.38 7.57 -7.94
C SER A 227 -18.05 8.49 -6.78
N ASP A 228 -17.30 8.01 -5.79
CA ASP A 228 -16.84 8.89 -4.72
C ASP A 228 -16.00 10.03 -5.27
N ALA A 229 -15.19 9.76 -6.29
CA ALA A 229 -14.39 10.81 -6.91
C ALA A 229 -15.28 11.85 -7.58
N VAL A 230 -16.41 11.42 -8.13
CA VAL A 230 -17.37 12.36 -8.71
C VAL A 230 -18.06 13.15 -7.61
N ASN A 231 -18.45 12.47 -6.54
CA ASN A 231 -19.08 13.17 -5.42
C ASN A 231 -18.13 14.19 -4.80
N TYR A 232 -16.86 13.80 -4.61
CA TYR A 232 -15.89 14.76 -4.08
C TYR A 232 -15.75 15.96 -5.00
N GLU A 233 -15.55 15.70 -6.30
CA GLU A 233 -15.28 16.79 -7.24
C GLU A 233 -16.42 17.78 -7.29
N LYS A 234 -17.66 17.30 -7.21
CA LYS A 234 -18.81 18.18 -7.32
C LYS A 234 -19.07 18.90 -5.99
N LYS A 235 -19.03 18.17 -4.87
CA LYS A 235 -19.22 18.81 -3.57
C LYS A 235 -18.15 19.87 -3.32
N MET A 236 -16.90 19.56 -3.63
CA MET A 236 -15.84 20.52 -3.37
C MET A 236 -15.95 21.72 -4.30
N TYR A 237 -16.36 21.50 -5.55
CA TYR A 237 -16.52 22.63 -6.46
C TYR A 237 -17.60 23.57 -5.97
N TYR A 238 -18.76 23.03 -5.54
CA TYR A 238 -19.79 23.86 -4.97
C TYR A 238 -19.24 24.66 -3.80
N LEU A 239 -18.38 24.04 -2.99
CA LEU A 239 -17.80 24.70 -1.82
C LEU A 239 -16.87 25.83 -2.25
N ASN A 240 -16.06 25.61 -3.28
CA ASN A 240 -15.07 26.61 -3.67
C ASN A 240 -15.65 27.68 -4.58
N LYS A 241 -16.67 27.35 -5.36
CA LYS A 241 -17.30 28.36 -6.21
C LYS A 241 -18.33 29.17 -5.43
N ILE A 242 -19.22 28.48 -4.72
CA ILE A 242 -20.34 29.14 -4.07
C ILE A 242 -20.01 29.48 -2.62
N VAL A 243 -19.77 28.46 -1.80
CA VAL A 243 -19.77 28.66 -0.35
C VAL A 243 -18.65 29.61 0.06
N ARG A 244 -17.43 29.37 -0.43
CA ARG A 244 -16.29 30.13 0.06
C ARG A 244 -16.25 31.55 -0.48
N ASN A 245 -17.09 31.90 -1.46
CA ASN A 245 -17.15 33.26 -1.98
C ASN A 245 -18.30 34.06 -1.37
N LYS A 246 -18.75 33.69 -0.18
CA LYS A 246 -19.83 34.38 0.50
C LYS A 246 -19.29 35.26 1.62
N VAL A 247 -20.10 36.24 2.02
CA VAL A 247 -19.83 37.09 3.18
C VAL A 247 -20.88 36.73 4.22
N VAL A 248 -20.42 36.35 5.42
CA VAL A 248 -21.32 35.92 6.49
C VAL A 248 -21.67 37.20 7.25
N ILE A 249 -22.82 37.78 6.89
CA ILE A 249 -23.13 39.14 7.33
C ILE A 249 -23.60 39.20 8.79
N ASN A 250 -24.06 38.09 9.35
CA ASN A 250 -24.33 38.06 10.78
C ASN A 250 -23.06 37.85 11.60
N PHE A 251 -21.92 37.58 10.96
CA PHE A 251 -20.70 37.17 11.65
C PHE A 251 -20.01 38.38 12.28
N ASP A 252 -19.95 38.40 13.61
CA ASP A 252 -19.33 39.50 14.35
C ASP A 252 -17.82 39.30 14.33
N TYR A 253 -17.17 39.88 13.32
CA TYR A 253 -15.74 39.70 13.15
C TYR A 253 -15.22 40.75 12.19
N PRO A 254 -13.99 41.24 12.38
CA PRO A 254 -13.48 42.28 11.47
C PRO A 254 -13.54 41.88 10.01
N ASN A 255 -13.42 40.58 9.73
CA ASN A 255 -13.54 40.04 8.38
C ASN A 255 -14.67 39.02 8.39
N GLN A 256 -15.63 39.17 7.48
CA GLN A 256 -16.78 38.28 7.42
C GLN A 256 -16.76 37.37 6.20
N GLU A 257 -15.66 37.32 5.48
CA GLU A 257 -15.51 36.34 4.41
C GLU A 257 -15.53 34.93 4.99
N TYR A 258 -16.07 33.99 4.21
CA TYR A 258 -16.32 32.65 4.73
C TYR A 258 -15.06 32.03 5.32
N ASP A 259 -13.94 32.10 4.61
CA ASP A 259 -12.72 31.47 5.12
C ASP A 259 -12.34 31.99 6.49
N TYR A 260 -12.65 33.25 6.80
CA TYR A 260 -12.43 33.76 8.15
C TYR A 260 -13.50 33.25 9.12
N PHE A 261 -14.75 33.14 8.64
CA PHE A 261 -15.79 32.47 9.40
C PHE A 261 -15.38 31.03 9.72
N HIS A 262 -14.87 30.33 8.70
CA HIS A 262 -14.38 28.96 8.87
C HIS A 262 -13.19 28.91 9.82
N MET A 263 -12.21 29.78 9.64
CA MET A 263 -11.06 29.81 10.52
C MET A 263 -11.48 30.07 11.97
N TYR A 264 -12.47 30.95 12.15
CA TYR A 264 -12.92 31.33 13.49
C TYR A 264 -13.41 30.11 14.27
N PHE A 265 -14.19 29.25 13.62
CA PHE A 265 -14.77 28.12 14.34
C PHE A 265 -13.71 27.07 14.65
N MET A 266 -12.69 26.94 13.82
CA MET A 266 -11.57 26.08 14.17
C MET A 266 -10.81 26.64 15.37
N LEU A 267 -10.55 27.95 15.37
CA LEU A 267 -9.69 28.54 16.38
C LEU A 267 -10.30 28.51 17.77
N ARG A 268 -11.62 28.39 17.89
CA ARG A 268 -12.25 28.37 19.20
C ARG A 268 -12.18 27.01 19.87
N THR A 269 -11.63 25.99 19.21
CA THR A 269 -11.30 24.73 19.87
C THR A 269 -9.89 24.74 20.45
N VAL A 270 -9.17 25.86 20.30
CA VAL A 270 -7.78 26.00 20.72
C VAL A 270 -7.74 26.52 22.15
N TYR A 271 -6.79 26.00 22.93
CA TYR A 271 -6.60 26.38 24.32
C TYR A 271 -5.55 27.49 24.44
N CYS A 272 -5.69 28.31 25.47
CA CYS A 272 -4.78 29.41 25.72
C CYS A 272 -4.56 29.57 27.21
N ASN A 273 -3.33 29.88 27.61
CA ASN A 273 -3.08 30.19 29.01
C ASN A 273 -3.66 31.54 29.38
N LYS A 274 -3.67 32.48 28.43
CA LYS A 274 -4.25 33.79 28.67
C LYS A 274 -5.77 33.71 28.73
N THR A 275 -6.36 34.58 29.52
CA THR A 275 -7.81 34.72 29.63
C THR A 275 -8.25 35.95 28.86
N PHE A 276 -9.43 35.86 28.25
CA PHE A 276 -9.96 36.95 27.45
C PHE A 276 -11.37 37.30 27.91
N PRO A 277 -11.79 38.55 27.74
CA PRO A 277 -13.16 38.92 28.15
C PRO A 277 -14.25 38.26 27.35
N THR A 278 -13.98 37.89 26.09
CA THR A 278 -14.98 37.28 25.23
C THR A 278 -14.29 36.27 24.34
N THR A 279 -15.10 35.40 23.74
CA THR A 279 -14.55 34.42 22.81
C THR A 279 -14.03 35.11 21.56
N LYS A 280 -14.73 36.13 21.06
CA LYS A 280 -14.25 36.86 19.90
C LYS A 280 -12.88 37.47 20.19
N ALA A 281 -12.70 38.06 21.37
CA ALA A 281 -11.40 38.59 21.73
C ALA A 281 -10.32 37.51 21.72
N LYS A 282 -10.68 36.27 22.07
CA LYS A 282 -9.71 35.19 22.06
C LYS A 282 -9.34 34.81 20.62
N ILE A 283 -10.34 34.69 19.74
CA ILE A 283 -10.06 34.31 18.36
C ILE A 283 -9.25 35.38 17.66
N LEU A 284 -9.58 36.66 17.93
CA LEU A 284 -8.85 37.76 17.34
C LEU A 284 -7.40 37.74 17.75
N PHE A 285 -7.14 37.53 19.04
CA PHE A 285 -5.76 37.45 19.51
C PHE A 285 -5.03 36.30 18.81
N LEU A 286 -5.67 35.13 18.74
CA LEU A 286 -5.03 33.98 18.11
C LEU A 286 -4.78 34.24 16.64
N GLN A 287 -5.79 34.73 15.92
CA GLN A 287 -5.57 35.04 14.51
C GLN A 287 -4.43 36.05 14.35
N GLN A 288 -4.46 37.13 15.14
CA GLN A 288 -3.37 38.09 15.09
C GLN A 288 -2.03 37.39 15.28
N SER A 289 -1.92 36.59 16.35
CA SER A 289 -0.68 35.86 16.62
C SER A 289 -0.26 35.04 15.41
N ILE A 290 -1.19 34.27 14.85
CA ILE A 290 -0.87 33.37 13.73
C ILE A 290 -0.42 34.17 12.52
N PHE A 291 -1.16 35.23 12.17
CA PHE A 291 -0.79 36.01 10.99
C PHE A 291 0.56 36.69 11.18
N ARG A 292 0.80 37.27 12.36
CA ARG A 292 2.06 37.96 12.60
C ARG A 292 3.25 37.02 12.44
N PHE A 293 3.16 35.82 13.01
CA PHE A 293 4.26 34.87 12.87
C PHE A 293 4.44 34.45 11.42
N LEU A 294 3.34 34.27 10.68
CA LEU A 294 3.42 33.91 9.27
C LEU A 294 3.62 35.11 8.36
N ASN A 295 3.73 36.32 8.93
CA ASN A 295 4.00 37.54 8.16
C ASN A 295 2.87 37.84 7.18
N ILE A 296 1.63 37.64 7.63
CA ILE A 296 0.45 37.98 6.85
C ILE A 296 -0.07 39.29 7.40
N PRO A 297 -0.46 40.25 6.54
CA PRO A 297 -1.09 41.50 7.03
C PRO A 297 -2.51 41.28 7.56
N VAL B 3 -7.52 -44.54 -4.19
CA VAL B 3 -6.11 -44.82 -4.38
C VAL B 3 -5.78 -44.86 -5.87
N VAL B 4 -4.51 -44.71 -6.19
CA VAL B 4 -4.05 -44.71 -7.58
C VAL B 4 -2.56 -45.01 -7.59
N SER B 5 -2.06 -45.47 -8.73
CA SER B 5 -0.64 -45.66 -8.96
C SER B 5 -0.19 -44.65 -10.01
N LEU B 6 0.85 -43.88 -9.69
CA LEU B 6 1.38 -42.89 -10.60
C LEU B 6 2.89 -42.96 -10.63
N ASP B 7 3.46 -42.72 -11.81
CA ASP B 7 4.90 -42.58 -11.95
C ASP B 7 5.36 -41.12 -11.80
N LYS B 8 4.47 -40.16 -12.07
CA LYS B 8 4.81 -38.75 -11.98
C LYS B 8 3.51 -37.96 -11.89
N PRO B 9 3.48 -36.85 -11.15
CA PRO B 9 2.28 -36.01 -11.10
C PRO B 9 2.27 -35.05 -12.29
N PHE B 10 1.19 -34.29 -12.38
CA PHE B 10 1.02 -33.29 -13.43
C PHE B 10 1.71 -32.00 -13.01
N MET B 11 2.82 -31.68 -13.67
CA MET B 11 3.61 -30.51 -13.32
C MET B 11 3.14 -29.27 -14.06
N TYR B 12 2.64 -29.42 -15.29
CA TYR B 12 2.21 -28.30 -16.12
C TYR B 12 0.82 -28.59 -16.67
N PHE B 13 0.11 -27.52 -17.03
CA PHE B 13 -1.27 -27.66 -17.44
C PHE B 13 -1.43 -28.55 -18.66
N GLU B 14 -0.46 -28.51 -19.58
CA GLU B 14 -0.58 -29.28 -20.81
C GLU B 14 -0.69 -30.78 -20.55
N GLU B 15 -0.27 -31.24 -19.37
CA GLU B 15 -0.22 -32.67 -19.08
C GLU B 15 -1.54 -33.23 -18.56
N ILE B 16 -2.52 -32.37 -18.27
CA ILE B 16 -3.82 -32.85 -17.82
C ILE B 16 -4.54 -33.48 -19.01
N ASP B 17 -4.94 -34.73 -18.88
CA ASP B 17 -5.48 -35.50 -20.00
C ASP B 17 -6.97 -35.82 -19.82
N ASN B 18 -7.75 -34.84 -19.36
CA ASN B 18 -9.17 -35.08 -19.14
C ASN B 18 -9.86 -33.81 -18.65
N GLU B 19 -11.19 -33.79 -18.76
CA GLU B 19 -12.01 -32.63 -18.41
C GLU B 19 -13.17 -33.03 -17.52
N LEU B 20 -13.81 -32.02 -16.93
CA LEU B 20 -14.83 -32.19 -15.89
C LEU B 20 -15.58 -30.87 -15.72
N ASP B 21 -16.91 -30.95 -15.58
CA ASP B 21 -17.73 -29.74 -15.51
C ASP B 21 -17.78 -29.22 -14.08
N TYR B 22 -17.50 -27.92 -13.91
CA TYR B 22 -17.50 -27.30 -12.59
C TYR B 22 -18.87 -27.40 -11.94
N GLU B 23 -18.88 -27.66 -10.63
CA GLU B 23 -20.13 -27.69 -9.86
C GLU B 23 -20.10 -26.62 -8.76
N LYS B 33 -7.68 -25.77 3.97
CA LYS B 33 -7.60 -26.73 5.06
C LYS B 33 -6.33 -26.52 5.90
N LEU B 34 -5.17 -26.38 5.22
CA LEU B 34 -3.91 -26.24 5.94
C LEU B 34 -3.64 -24.80 6.36
N PRO B 35 -2.88 -24.61 7.44
CA PRO B 35 -2.57 -23.24 7.88
C PRO B 35 -1.47 -22.61 7.03
N TYR B 36 -1.65 -21.33 6.73
CA TYR B 36 -0.70 -20.59 5.90
C TYR B 36 -0.49 -21.28 4.56
N GLN B 37 -1.52 -21.99 4.10
CA GLN B 37 -1.40 -22.77 2.89
C GLN B 37 -1.09 -21.90 1.68
N GLY B 38 -1.56 -20.65 1.69
CA GLY B 38 -1.29 -19.77 0.57
C GLY B 38 0.18 -19.38 0.48
N GLN B 39 0.82 -19.15 1.63
CA GLN B 39 2.26 -18.89 1.62
C GLN B 39 3.03 -20.15 1.20
N LEU B 40 2.55 -21.32 1.59
CA LEU B 40 3.16 -22.56 1.11
C LEU B 40 3.07 -22.66 -0.41
N LYS B 41 1.90 -22.33 -0.97
CA LYS B 41 1.70 -22.43 -2.41
C LYS B 41 2.73 -21.60 -3.16
N LEU B 42 2.90 -20.34 -2.77
CA LEU B 42 3.86 -19.47 -3.45
C LEU B 42 5.29 -19.94 -3.25
N LEU B 43 5.64 -20.31 -2.02
CA LEU B 43 7.00 -20.75 -1.73
C LEU B 43 7.39 -21.95 -2.58
N LEU B 44 6.49 -22.94 -2.67
CA LEU B 44 6.81 -24.13 -3.44
C LEU B 44 7.00 -23.80 -4.91
N GLY B 45 6.17 -22.94 -5.46
CA GLY B 45 6.26 -22.56 -6.86
C GLY B 45 7.44 -21.65 -7.17
N GLU B 46 7.71 -20.71 -6.28
CA GLU B 46 8.82 -19.78 -6.50
C GLU B 46 10.17 -20.44 -6.27
N LEU B 47 10.25 -21.40 -5.34
CA LEU B 47 11.45 -22.20 -5.23
C LEU B 47 11.64 -23.06 -6.48
N PHE B 48 10.55 -23.63 -7.01
CA PHE B 48 10.62 -24.41 -8.24
C PHE B 48 11.07 -23.55 -9.42
N PHE B 49 10.46 -22.37 -9.55
CA PHE B 49 10.80 -21.46 -10.64
C PHE B 49 12.22 -20.92 -10.48
N LEU B 50 12.57 -20.45 -9.28
CA LEU B 50 13.91 -19.91 -9.09
C LEU B 50 14.97 -21.00 -9.20
N SER B 51 14.70 -22.20 -8.66
CA SER B 51 15.67 -23.28 -8.77
C SER B 51 15.92 -23.66 -10.23
N LYS B 52 14.86 -23.66 -11.05
CA LYS B 52 15.04 -23.91 -12.47
C LYS B 52 15.94 -22.86 -13.10
N LEU B 53 15.92 -21.64 -12.58
CA LEU B 53 16.77 -20.57 -13.12
C LEU B 53 18.22 -20.74 -12.68
N GLN B 54 18.44 -21.18 -11.44
CA GLN B 54 19.79 -21.50 -10.98
C GLN B 54 20.38 -22.64 -11.81
N ARG B 55 19.53 -23.54 -12.29
CA ARG B 55 19.96 -24.69 -13.07
C ARG B 55 20.32 -24.29 -14.51
N HIS B 56 19.68 -23.25 -15.04
CA HIS B 56 20.07 -22.67 -16.31
C HIS B 56 21.22 -21.68 -16.19
N GLY B 57 21.67 -21.39 -14.97
CA GLY B 57 22.80 -20.49 -14.79
C GLY B 57 22.52 -19.02 -15.00
N ILE B 58 21.27 -18.59 -14.82
CA ILE B 58 20.90 -17.19 -15.03
C ILE B 58 20.40 -16.52 -13.76
N LEU B 59 20.35 -17.24 -12.63
CA LEU B 59 19.85 -16.67 -11.39
C LEU B 59 20.91 -15.87 -10.65
N ASP B 60 22.12 -16.40 -10.55
CA ASP B 60 23.18 -15.79 -9.75
C ASP B 60 23.48 -14.38 -10.24
N GLY B 61 23.44 -13.42 -9.32
CA GLY B 61 23.76 -12.05 -9.64
C GLY B 61 22.62 -11.22 -10.18
N ALA B 62 21.42 -11.79 -10.26
CA ALA B 62 20.28 -11.06 -10.78
C ALA B 62 19.56 -10.32 -9.67
N THR B 63 18.72 -9.38 -10.07
CA THR B 63 17.78 -8.70 -9.19
C THR B 63 16.40 -9.27 -9.47
N VAL B 64 15.76 -9.82 -8.43
CA VAL B 64 14.40 -10.32 -8.54
C VAL B 64 13.46 -9.16 -8.21
N VAL B 65 12.67 -8.74 -9.18
CA VAL B 65 11.65 -7.71 -8.98
C VAL B 65 10.33 -8.44 -8.76
N TYR B 66 9.87 -8.45 -7.51
CA TYR B 66 8.68 -9.17 -7.09
C TYR B 66 7.60 -8.13 -6.85
N ILE B 67 6.70 -8.00 -7.81
CA ILE B 67 5.62 -7.03 -7.73
C ILE B 67 4.40 -7.73 -7.15
N GLY B 68 3.76 -7.10 -6.16
CA GLY B 68 2.69 -7.75 -5.43
C GLY B 68 3.22 -8.75 -4.44
N SER B 69 4.20 -8.32 -3.64
CA SER B 69 4.95 -9.21 -2.76
C SER B 69 4.44 -9.24 -1.33
N ALA B 70 3.71 -8.23 -0.90
CA ALA B 70 3.22 -8.20 0.47
C ALA B 70 2.11 -9.23 0.66
N PRO B 71 2.02 -9.82 1.86
CA PRO B 71 2.92 -9.68 3.01
C PRO B 71 4.26 -10.38 2.72
N GLY B 72 4.24 -11.42 1.91
CA GLY B 72 5.46 -12.06 1.45
C GLY B 72 6.22 -12.80 2.52
N THR B 73 5.51 -13.40 3.48
CA THR B 73 6.18 -14.11 4.56
C THR B 73 7.11 -15.19 4.04
N HIS B 74 6.71 -15.88 2.97
CA HIS B 74 7.51 -16.97 2.43
C HIS B 74 8.78 -16.50 1.73
N ILE B 75 8.81 -15.25 1.28
CA ILE B 75 9.98 -14.77 0.55
C ILE B 75 11.22 -14.80 1.44
N ARG B 76 11.03 -14.72 2.76
CA ARG B 76 12.17 -14.82 3.67
C ARG B 76 12.83 -16.18 3.57
N TYR B 77 12.04 -17.24 3.42
CA TYR B 77 12.62 -18.56 3.23
C TYR B 77 13.37 -18.64 1.89
N LEU B 78 12.78 -18.09 0.84
CA LEU B 78 13.46 -18.05 -0.45
C LEU B 78 14.81 -17.39 -0.35
N ARG B 79 14.84 -16.15 0.16
CA ARG B 79 16.09 -15.41 0.27
C ARG B 79 17.12 -16.18 1.07
N ASP B 80 16.72 -16.67 2.26
CA ASP B 80 17.64 -17.41 3.11
C ASP B 80 18.16 -18.67 2.41
N HIS B 81 17.29 -19.35 1.66
CA HIS B 81 17.68 -20.58 0.99
C HIS B 81 18.79 -20.35 -0.03
N PHE B 82 18.62 -19.35 -0.89
CA PHE B 82 19.60 -19.12 -1.94
C PHE B 82 20.83 -18.39 -1.42
N TYR B 83 20.66 -17.55 -0.40
CA TYR B 83 21.81 -16.94 0.25
C TYR B 83 22.71 -18.00 0.88
N ASN B 84 22.10 -18.93 1.64
CA ASN B 84 22.88 -19.98 2.26
C ASN B 84 23.59 -20.86 1.22
N LEU B 85 23.11 -20.86 -0.02
CA LEU B 85 23.74 -21.60 -1.11
C LEU B 85 24.83 -20.80 -1.80
N GLY B 86 25.08 -19.56 -1.38
CA GLY B 86 26.08 -18.74 -2.02
C GLY B 86 25.65 -18.11 -3.31
N VAL B 87 24.35 -18.05 -3.58
CA VAL B 87 23.82 -17.43 -4.78
C VAL B 87 23.61 -15.95 -4.49
N ILE B 88 24.15 -15.09 -5.35
CA ILE B 88 24.01 -13.65 -5.20
C ILE B 88 22.68 -13.23 -5.82
N ILE B 89 21.72 -12.86 -4.97
CA ILE B 89 20.41 -12.38 -5.40
C ILE B 89 20.11 -11.09 -4.65
N LYS B 90 19.59 -10.10 -5.37
CA LYS B 90 19.08 -8.88 -4.75
C LYS B 90 17.57 -8.85 -4.91
N TRP B 91 16.86 -8.68 -3.80
CA TRP B 91 15.41 -8.72 -3.78
C TRP B 91 14.84 -7.30 -3.76
N MET B 92 13.90 -7.01 -4.66
CA MET B 92 13.17 -5.76 -4.70
C MET B 92 11.67 -6.09 -4.63
N LEU B 93 11.08 -5.91 -3.46
CA LEU B 93 9.70 -6.31 -3.20
C LEU B 93 8.80 -5.07 -3.21
N ILE B 94 7.88 -5.02 -4.16
CA ILE B 94 7.14 -3.80 -4.48
C ILE B 94 5.65 -4.07 -4.29
N ASP B 95 5.05 -3.35 -3.33
CA ASP B 95 3.61 -3.49 -3.08
C ASP B 95 3.06 -2.20 -2.47
N GLY B 96 1.74 -2.07 -2.53
CA GLY B 96 1.10 -0.95 -1.83
C GLY B 96 0.94 -1.19 -0.36
N ARG B 97 0.84 -2.46 0.05
CA ARG B 97 0.76 -2.83 1.44
C ARG B 97 2.15 -3.12 1.99
N HIS B 98 2.24 -3.16 3.32
CA HIS B 98 3.51 -3.44 3.97
C HIS B 98 3.75 -4.95 4.07
N HIS B 99 5.02 -5.31 4.16
CA HIS B 99 5.44 -6.71 4.14
C HIS B 99 5.58 -7.26 5.56
N ASP B 100 5.68 -8.59 5.63
CA ASP B 100 5.82 -9.28 6.90
C ASP B 100 7.07 -8.80 7.64
N PRO B 101 6.98 -8.50 8.94
CA PRO B 101 8.16 -7.98 9.66
C PRO B 101 9.37 -8.91 9.60
N ILE B 102 9.22 -10.16 9.16
CA ILE B 102 10.35 -11.07 9.05
C ILE B 102 11.25 -10.76 7.86
N LEU B 103 10.88 -9.78 7.04
CA LEU B 103 11.72 -9.31 5.94
C LEU B 103 12.54 -8.08 6.30
N ASN B 104 12.34 -7.52 7.49
CA ASN B 104 13.07 -6.34 7.91
C ASN B 104 14.48 -6.70 8.34
N GLY B 105 15.37 -5.71 8.28
CA GLY B 105 16.76 -5.92 8.63
C GLY B 105 17.54 -6.66 7.56
N LEU B 106 16.83 -7.31 6.63
CA LEU B 106 17.46 -7.93 5.49
C LEU B 106 17.81 -6.87 4.46
N ARG B 107 19.06 -6.89 3.99
CA ARG B 107 19.64 -5.77 3.26
C ARG B 107 19.80 -6.04 1.77
N ASP B 108 19.95 -7.30 1.37
CA ASP B 108 19.73 -7.64 -0.03
C ASP B 108 18.26 -7.51 -0.41
N VAL B 109 17.39 -7.13 0.53
CA VAL B 109 15.95 -7.08 0.31
C VAL B 109 15.49 -5.64 0.52
N THR B 110 15.13 -4.97 -0.57
CA THR B 110 14.62 -3.61 -0.53
C THR B 110 13.10 -3.65 -0.61
N LEU B 111 12.43 -3.04 0.37
CA LEU B 111 10.99 -3.03 0.47
C LEU B 111 10.45 -1.70 -0.06
N VAL B 112 9.69 -1.77 -1.15
CA VAL B 112 9.25 -0.59 -1.88
C VAL B 112 7.75 -0.47 -1.75
N THR B 113 7.29 0.68 -1.25
CA THR B 113 5.88 0.99 -1.14
C THR B 113 5.47 1.77 -2.38
N ARG B 114 4.76 1.12 -3.29
CA ARG B 114 4.46 1.75 -4.57
C ARG B 114 3.29 1.04 -5.24
N PHE B 115 2.46 1.83 -5.92
CA PHE B 115 1.44 1.32 -6.84
C PHE B 115 2.05 1.39 -8.23
N VAL B 116 2.53 0.25 -8.73
CA VAL B 116 3.36 0.29 -9.93
C VAL B 116 2.49 0.56 -11.14
N ASP B 117 2.98 1.42 -12.03
CA ASP B 117 2.40 1.68 -13.34
C ASP B 117 3.53 1.65 -14.37
N GLU B 118 3.14 1.82 -15.63
CA GLU B 118 4.12 1.83 -16.71
C GLU B 118 5.24 2.85 -16.45
N GLU B 119 4.89 4.03 -15.97
CA GLU B 119 5.91 5.05 -15.72
C GLU B 119 6.94 4.56 -14.70
N TYR B 120 6.47 3.96 -13.61
CA TYR B 120 7.38 3.51 -12.56
C TYR B 120 8.17 2.28 -13.01
N LEU B 121 7.59 1.47 -13.89
CA LEU B 121 8.35 0.36 -14.46
C LEU B 121 9.57 0.87 -15.20
N ARG B 122 9.40 1.95 -15.96
CA ARG B 122 10.53 2.49 -16.72
C ARG B 122 11.59 3.08 -15.80
N SER B 123 11.19 3.55 -14.61
CA SER B 123 12.16 4.13 -13.69
C SER B 123 12.92 3.06 -12.90
N ILE B 124 12.28 1.93 -12.57
CA ILE B 124 13.06 0.89 -11.92
C ILE B 124 13.90 0.12 -12.94
N LYS B 125 13.41 -0.06 -14.16
CA LYS B 125 14.25 -0.60 -15.21
C LYS B 125 15.57 0.14 -15.28
N LYS B 126 15.53 1.45 -15.05
CA LYS B 126 16.67 2.31 -15.28
C LYS B 126 17.65 2.30 -14.11
N GLN B 127 17.14 2.39 -12.88
CA GLN B 127 18.04 2.36 -11.74
C GLN B 127 18.65 0.97 -11.54
N LEU B 128 18.04 -0.08 -12.10
CA LEU B 128 18.56 -1.43 -11.95
C LEU B 128 19.59 -1.80 -13.02
N HIS B 129 19.71 -1.02 -14.09
CA HIS B 129 20.78 -1.24 -15.05
C HIS B 129 22.13 -1.15 -14.33
N PRO B 130 23.07 -2.08 -14.60
CA PRO B 130 23.07 -3.11 -15.64
C PRO B 130 22.60 -4.47 -15.18
N SER B 131 21.84 -4.54 -14.10
CA SER B 131 21.55 -5.82 -13.48
C SER B 131 20.54 -6.63 -14.30
N LYS B 132 20.79 -7.94 -14.38
CA LYS B 132 19.79 -8.85 -14.91
C LYS B 132 18.57 -8.85 -13.99
N ILE B 133 17.38 -8.89 -14.59
CA ILE B 133 16.13 -8.79 -13.86
C ILE B 133 15.37 -10.11 -14.00
N ILE B 134 14.85 -10.61 -12.89
CA ILE B 134 13.94 -11.76 -12.85
C ILE B 134 12.63 -11.25 -12.26
N LEU B 135 11.55 -11.40 -13.02
CA LEU B 135 10.27 -10.82 -12.64
C LEU B 135 9.39 -11.88 -11.99
N ILE B 136 8.83 -11.54 -10.83
CA ILE B 136 7.82 -12.36 -10.18
C ILE B 136 6.63 -11.44 -9.89
N SER B 137 5.48 -11.76 -10.47
CA SER B 137 4.28 -10.95 -10.33
C SER B 137 3.19 -11.79 -9.68
N ASP B 138 2.64 -11.30 -8.57
CA ASP B 138 1.49 -11.90 -7.93
C ASP B 138 0.44 -10.83 -7.62
N VAL B 139 0.27 -9.87 -8.53
CA VAL B 139 -0.62 -8.74 -8.29
C VAL B 139 -2.07 -9.19 -8.39
N ARG B 140 -2.92 -8.67 -7.50
CA ARG B 140 -4.35 -8.94 -7.54
C ARG B 140 -5.10 -7.78 -6.89
N SER B 141 -6.14 -7.30 -7.58
CA SER B 141 -6.98 -6.21 -7.06
C SER B 141 -7.99 -6.73 -6.03
N GLU B 147 -13.92 -12.84 -5.07
CA GLU B 147 -13.29 -13.18 -6.33
C GLU B 147 -13.18 -11.94 -7.21
N PRO B 148 -12.18 -11.89 -8.10
CA PRO B 148 -12.05 -10.73 -8.99
C PRO B 148 -12.92 -10.87 -10.23
N SER B 149 -13.36 -9.72 -10.73
CA SER B 149 -14.12 -9.71 -11.97
C SER B 149 -13.19 -9.97 -13.16
N THR B 150 -13.79 -10.36 -14.28
CA THR B 150 -12.99 -10.59 -15.47
C THR B 150 -12.29 -9.31 -15.91
N ALA B 151 -12.96 -8.16 -15.76
CA ALA B 151 -12.33 -6.89 -16.10
C ALA B 151 -11.10 -6.65 -15.23
N ASP B 152 -11.18 -7.00 -13.95
CA ASP B 152 -10.02 -6.85 -13.07
C ASP B 152 -8.86 -7.72 -13.53
N LEU B 153 -9.14 -8.98 -13.86
CA LEU B 153 -8.09 -9.87 -14.36
C LEU B 153 -7.44 -9.28 -15.61
N LEU B 154 -8.26 -8.81 -16.55
CA LEU B 154 -7.71 -8.27 -17.79
C LEU B 154 -6.80 -7.09 -17.52
N SER B 155 -7.15 -6.26 -16.52
CA SER B 155 -6.25 -5.18 -16.13
C SER B 155 -4.95 -5.71 -15.56
N ASN B 156 -5.04 -6.70 -14.67
CA ASN B 156 -3.83 -7.32 -14.13
C ASN B 156 -2.96 -7.86 -15.25
N TYR B 157 -3.52 -8.72 -16.10
CA TYR B 157 -2.72 -9.34 -17.15
C TYR B 157 -2.18 -8.31 -18.13
N ALA B 158 -2.96 -7.26 -18.42
CA ALA B 158 -2.42 -6.15 -19.20
C ALA B 158 -1.17 -5.57 -18.53
N LEU B 159 -1.25 -5.35 -17.21
CA LEU B 159 -0.11 -4.77 -16.50
C LEU B 159 1.09 -5.72 -16.51
N GLN B 160 0.85 -7.02 -16.34
CA GLN B 160 1.96 -7.97 -16.31
C GLN B 160 2.70 -8.01 -17.63
N ASN B 161 1.99 -7.86 -18.76
CA ASN B 161 2.68 -7.78 -20.05
C ASN B 161 3.57 -6.54 -20.12
N VAL B 162 3.07 -5.40 -19.62
CA VAL B 162 3.88 -4.18 -19.61
C VAL B 162 5.12 -4.37 -18.74
N MET B 163 5.00 -5.14 -17.66
CA MET B 163 6.17 -5.43 -16.83
C MET B 163 7.25 -6.09 -17.67
N ILE B 164 6.87 -7.05 -18.50
CA ILE B 164 7.86 -7.84 -19.21
C ILE B 164 8.46 -7.04 -20.35
N SER B 165 7.63 -6.34 -21.14
CA SER B 165 8.15 -5.56 -22.23
C SER B 165 9.02 -4.41 -21.75
N ILE B 166 8.71 -3.84 -20.58
CA ILE B 166 9.48 -2.70 -20.07
C ILE B 166 10.71 -3.14 -19.31
N LEU B 167 10.59 -4.14 -18.44
CA LEU B 167 11.72 -4.55 -17.62
C LEU B 167 12.67 -5.47 -18.36
N ASN B 168 12.24 -6.06 -19.47
CA ASN B 168 13.05 -6.99 -20.24
C ASN B 168 13.73 -8.02 -19.34
N PRO B 169 12.97 -8.77 -18.56
CA PRO B 169 13.58 -9.73 -17.64
C PRO B 169 14.16 -10.91 -18.38
N VAL B 170 15.13 -11.58 -17.73
CA VAL B 170 15.69 -12.80 -18.31
C VAL B 170 14.74 -13.98 -18.11
N ALA B 171 13.88 -13.92 -17.10
CA ALA B 171 12.84 -14.91 -16.86
C ALA B 171 11.72 -14.24 -16.08
N SER B 172 10.53 -14.85 -16.10
CA SER B 172 9.38 -14.25 -15.45
C SER B 172 8.43 -15.34 -14.96
N SER B 173 7.77 -15.05 -13.84
CA SER B 173 6.77 -15.93 -13.25
C SER B 173 5.52 -15.11 -13.00
N LEU B 174 4.43 -15.44 -13.70
CA LEU B 174 3.22 -14.63 -13.67
C LEU B 174 2.05 -15.40 -13.09
N LYS B 175 1.30 -14.73 -12.23
CA LYS B 175 -0.03 -15.20 -11.85
C LYS B 175 -0.89 -15.36 -13.10
N TRP B 176 -1.51 -16.53 -13.23
CA TRP B 176 -2.30 -16.83 -14.43
C TRP B 176 -3.49 -17.69 -14.03
N ARG B 177 -4.67 -17.08 -14.00
CA ARG B 177 -5.93 -17.80 -13.98
C ARG B 177 -6.77 -17.26 -15.13
N CYS B 178 -7.31 -18.16 -15.94
CA CYS B 178 -8.14 -17.70 -17.05
C CYS B 178 -9.48 -17.20 -16.52
N PRO B 179 -10.03 -16.12 -17.10
CA PRO B 179 -11.40 -15.73 -16.74
C PRO B 179 -12.37 -16.87 -17.05
N PHE B 180 -13.42 -16.95 -16.25
CA PHE B 180 -14.41 -18.00 -16.45
C PHE B 180 -15.13 -17.79 -17.77
N PRO B 181 -15.28 -18.82 -18.61
CA PRO B 181 -15.90 -18.60 -19.93
C PRO B 181 -17.29 -17.99 -19.85
N ASP B 182 -18.06 -18.28 -18.81
CA ASP B 182 -19.38 -17.66 -18.66
C ASP B 182 -19.29 -16.20 -18.28
N GLN B 183 -18.13 -15.72 -17.84
CA GLN B 183 -17.87 -14.32 -17.58
C GLN B 183 -16.92 -13.73 -18.61
N TRP B 184 -16.91 -14.30 -19.80
CA TRP B 184 -16.00 -13.81 -20.84
C TRP B 184 -16.38 -12.38 -21.20
N ILE B 185 -15.38 -11.62 -21.63
CA ILE B 185 -15.58 -10.24 -22.03
C ILE B 185 -14.96 -10.04 -23.40
N LYS B 186 -13.72 -10.52 -23.56
CA LYS B 186 -12.88 -10.14 -24.67
C LYS B 186 -11.69 -11.07 -24.71
N ASP B 187 -11.17 -11.29 -25.92
CA ASP B 187 -9.91 -12.01 -26.07
C ASP B 187 -8.77 -11.13 -25.59
N PHE B 188 -7.80 -11.75 -24.92
CA PHE B 188 -6.64 -11.04 -24.40
C PHE B 188 -5.41 -11.89 -24.62
N TYR B 189 -4.26 -11.24 -24.65
CA TYR B 189 -2.99 -11.89 -24.92
C TYR B 189 -2.18 -11.98 -23.63
N ILE B 190 -1.52 -13.11 -23.44
CA ILE B 190 -0.59 -13.30 -22.34
C ILE B 190 0.73 -13.82 -22.91
N PRO B 191 1.82 -13.73 -22.16
CA PRO B 191 3.11 -14.19 -22.69
C PRO B 191 3.15 -15.69 -22.89
N HIS B 192 3.99 -16.11 -23.84
CA HIS B 192 4.30 -17.52 -24.00
C HIS B 192 5.02 -18.04 -22.77
N GLY B 193 4.76 -19.29 -22.42
CA GLY B 193 5.46 -19.92 -21.32
C GLY B 193 4.79 -21.20 -20.88
N ASN B 194 5.43 -21.85 -19.91
CA ASN B 194 4.90 -23.07 -19.32
C ASN B 194 4.00 -22.71 -18.15
N LYS B 195 2.89 -23.44 -18.04
CA LYS B 195 1.84 -23.13 -17.06
C LYS B 195 2.01 -24.09 -15.90
N MET B 196 2.81 -23.67 -14.91
CA MET B 196 3.10 -24.50 -13.76
C MET B 196 1.86 -24.66 -12.89
N LEU B 197 1.50 -25.90 -12.60
CA LEU B 197 0.45 -26.18 -11.63
C LEU B 197 1.00 -26.01 -10.23
N GLN B 198 0.12 -25.63 -9.31
CA GLN B 198 0.54 -25.30 -7.95
C GLN B 198 -0.03 -26.31 -6.97
N PRO B 199 0.80 -27.02 -6.22
CA PRO B 199 0.27 -27.85 -5.13
C PRO B 199 -0.16 -26.99 -3.95
N PHE B 200 -1.11 -27.53 -3.18
CA PHE B 200 -1.68 -26.85 -2.02
C PHE B 200 -2.34 -25.53 -2.39
N ALA B 201 -2.80 -25.41 -3.63
CA ALA B 201 -3.67 -24.31 -3.99
C ALA B 201 -5.05 -24.52 -3.37
N PRO B 202 -5.88 -23.48 -3.32
CA PRO B 202 -7.27 -23.66 -2.89
C PRO B 202 -7.91 -24.87 -3.56
N SER B 203 -8.90 -25.44 -2.88
CA SER B 203 -9.44 -26.74 -3.27
C SER B 203 -9.83 -26.78 -4.74
N TYR B 204 -10.47 -25.73 -5.24
CA TYR B 204 -10.95 -25.68 -6.62
C TYR B 204 -10.50 -24.41 -7.31
N SER B 205 -9.26 -23.98 -7.06
CA SER B 205 -8.67 -22.87 -7.79
C SER B 205 -8.23 -23.32 -9.17
N ALA B 206 -8.38 -22.43 -10.15
CA ALA B 206 -7.89 -22.66 -11.51
C ALA B 206 -6.58 -21.93 -11.77
N GLU B 207 -5.95 -21.39 -10.73
CA GLU B 207 -4.76 -20.56 -10.88
C GLU B 207 -3.52 -21.40 -11.12
N MET B 208 -2.66 -20.91 -12.01
CA MET B 208 -1.35 -21.51 -12.28
C MET B 208 -0.35 -20.38 -12.45
N ARG B 209 0.93 -20.73 -12.43
CA ARG B 209 2.00 -19.75 -12.61
C ARG B 209 2.59 -19.91 -14.01
N LEU B 210 2.68 -18.80 -14.74
CA LEU B 210 3.15 -18.78 -16.11
C LEU B 210 4.65 -18.47 -16.11
N LEU B 211 5.46 -19.50 -16.34
CA LEU B 211 6.92 -19.40 -16.28
C LEU B 211 7.48 -19.24 -17.68
N SER B 212 8.42 -18.29 -17.83
CA SER B 212 8.95 -17.93 -19.14
C SER B 212 10.42 -17.58 -19.01
N ILE B 213 11.24 -18.11 -19.92
CA ILE B 213 12.65 -17.76 -20.01
C ILE B 213 12.89 -17.15 -21.38
N TYR B 214 13.55 -16.00 -21.42
CA TYR B 214 13.63 -15.20 -22.62
C TYR B 214 15.02 -15.15 -23.24
N MET B 219 10.12 -11.99 -26.40
CA MET B 219 8.90 -12.41 -25.83
C MET B 219 7.87 -12.58 -26.90
N ARG B 220 7.03 -13.60 -26.76
CA ARG B 220 5.93 -13.88 -27.72
C ARG B 220 4.68 -13.84 -26.90
N LEU B 221 3.69 -13.16 -27.43
CA LEU B 221 2.37 -13.16 -26.87
C LEU B 221 1.48 -14.16 -27.61
N THR B 222 0.46 -14.66 -26.89
CA THR B 222 -0.47 -15.68 -27.39
C THR B 222 -1.92 -15.28 -27.02
N ARG B 223 -2.85 -15.37 -27.98
CA ARG B 223 -4.26 -15.05 -27.76
C ARG B 223 -4.89 -16.02 -26.78
N VAL B 224 -5.80 -15.54 -25.96
CA VAL B 224 -6.58 -16.42 -25.12
C VAL B 224 -8.05 -16.23 -25.52
N THR B 225 -8.68 -17.31 -25.96
CA THR B 225 -10.03 -17.26 -26.50
C THR B 225 -11.00 -17.89 -25.51
N LYS B 226 -12.29 -17.67 -25.76
CA LYS B 226 -13.31 -18.22 -24.88
C LYS B 226 -13.28 -19.74 -24.87
N SER B 227 -12.87 -20.37 -25.97
CA SER B 227 -12.75 -21.83 -25.98
C SER B 227 -11.58 -22.30 -25.14
N ASP B 228 -10.51 -21.48 -25.05
CA ASP B 228 -9.45 -21.77 -24.09
C ASP B 228 -9.98 -21.70 -22.66
N ALA B 229 -10.80 -20.69 -22.37
CA ALA B 229 -11.37 -20.56 -21.03
C ALA B 229 -12.16 -21.81 -20.65
N VAL B 230 -13.05 -22.26 -21.54
CA VAL B 230 -13.81 -23.48 -21.28
C VAL B 230 -12.85 -24.65 -21.02
N ASN B 231 -11.85 -24.80 -21.88
CA ASN B 231 -10.88 -25.88 -21.70
C ASN B 231 -10.16 -25.75 -20.36
N TYR B 232 -9.75 -24.53 -19.99
CA TYR B 232 -9.11 -24.31 -18.70
C TYR B 232 -10.02 -24.76 -17.56
N GLU B 233 -11.26 -24.27 -17.55
CA GLU B 233 -12.16 -24.54 -16.43
C GLU B 233 -12.39 -26.04 -16.28
N LYS B 234 -12.57 -26.74 -17.39
CA LYS B 234 -12.85 -28.18 -17.33
C LYS B 234 -11.62 -28.94 -16.85
N LYS B 235 -10.48 -28.78 -17.53
CA LYS B 235 -9.28 -29.52 -17.17
C LYS B 235 -8.85 -29.24 -15.73
N MET B 236 -9.08 -28.02 -15.24
CA MET B 236 -8.71 -27.71 -13.87
C MET B 236 -9.74 -28.22 -12.86
N TYR B 237 -11.00 -28.36 -13.26
CA TYR B 237 -11.97 -29.00 -12.38
C TYR B 237 -11.75 -30.51 -12.31
N TYR B 238 -11.33 -31.12 -13.42
CA TYR B 238 -10.92 -32.52 -13.39
C TYR B 238 -9.71 -32.72 -12.48
N LEU B 239 -8.78 -31.77 -12.50
CA LEU B 239 -7.64 -31.82 -11.59
C LEU B 239 -8.09 -31.62 -10.15
N ASN B 240 -8.94 -30.62 -9.91
CA ASN B 240 -9.33 -30.30 -8.53
C ASN B 240 -10.32 -31.30 -7.97
N LYS B 241 -11.30 -31.73 -8.77
CA LYS B 241 -12.34 -32.60 -8.24
C LYS B 241 -11.83 -34.03 -8.04
N ILE B 242 -11.03 -34.54 -8.97
CA ILE B 242 -10.67 -35.95 -9.02
C ILE B 242 -9.19 -36.17 -8.70
N VAL B 243 -8.30 -35.63 -9.52
CA VAL B 243 -6.88 -36.00 -9.45
C VAL B 243 -6.29 -35.65 -8.09
N ARG B 244 -6.63 -34.48 -7.56
CA ARG B 244 -6.03 -34.03 -6.31
C ARG B 244 -6.60 -34.73 -5.09
N ASN B 245 -7.68 -35.49 -5.24
CA ASN B 245 -8.28 -36.24 -4.15
C ASN B 245 -7.81 -37.68 -4.10
N LYS B 246 -6.85 -38.05 -4.96
CA LYS B 246 -6.32 -39.41 -4.97
C LYS B 246 -5.22 -39.56 -3.93
N VAL B 247 -4.89 -40.81 -3.62
CA VAL B 247 -3.75 -41.15 -2.79
C VAL B 247 -2.83 -42.02 -3.65
N VAL B 248 -1.64 -41.50 -3.95
CA VAL B 248 -0.68 -42.26 -4.75
C VAL B 248 -0.12 -43.38 -3.87
N ILE B 249 -0.52 -44.62 -4.15
CA ILE B 249 -0.25 -45.71 -3.23
C ILE B 249 1.13 -46.33 -3.43
N ASN B 250 1.75 -46.15 -4.60
CA ASN B 250 3.13 -46.56 -4.82
C ASN B 250 4.11 -45.46 -4.45
N PHE B 251 3.65 -44.37 -3.84
CA PHE B 251 4.50 -43.26 -3.46
C PHE B 251 5.18 -43.56 -2.13
N ASP B 252 6.52 -43.57 -2.14
CA ASP B 252 7.30 -43.84 -0.93
C ASP B 252 7.48 -42.53 -0.17
N TYR B 253 6.56 -42.26 0.77
CA TYR B 253 6.58 -41.00 1.52
C TYR B 253 5.61 -41.04 2.70
N PRO B 254 5.91 -40.35 3.80
CA PRO B 254 4.98 -40.36 4.94
C PRO B 254 3.57 -39.93 4.59
N ASN B 255 3.39 -39.09 3.58
CA ASN B 255 2.07 -38.69 3.13
C ASN B 255 1.96 -38.96 1.64
N GLN B 256 0.92 -39.69 1.24
CA GLN B 256 0.75 -40.14 -0.13
C GLN B 256 -0.35 -39.39 -0.87
N GLU B 257 -0.94 -38.37 -0.26
CA GLU B 257 -1.92 -37.55 -0.95
C GLU B 257 -1.28 -36.88 -2.16
N TYR B 258 -2.12 -36.51 -3.12
CA TYR B 258 -1.60 -36.07 -4.41
C TYR B 258 -0.74 -34.82 -4.27
N ASP B 259 -1.18 -33.87 -3.43
CA ASP B 259 -0.46 -32.62 -3.32
C ASP B 259 0.96 -32.84 -2.79
N TYR B 260 1.13 -33.80 -1.89
CA TYR B 260 2.47 -34.11 -1.38
C TYR B 260 3.28 -34.88 -2.42
N PHE B 261 2.67 -35.84 -3.11
CA PHE B 261 3.24 -36.34 -4.36
C PHE B 261 3.59 -35.23 -5.32
N HIS B 262 2.79 -34.13 -5.27
CA HIS B 262 3.10 -33.01 -6.15
C HIS B 262 4.27 -32.18 -5.60
N MET B 263 4.17 -31.80 -4.36
CA MET B 263 5.29 -31.15 -3.71
C MET B 263 6.57 -31.97 -3.91
N TYR B 264 6.49 -33.30 -3.75
CA TYR B 264 7.71 -34.12 -3.80
C TYR B 264 8.48 -33.92 -5.10
N PHE B 265 7.79 -33.89 -6.23
CA PHE B 265 8.47 -33.76 -7.51
C PHE B 265 8.98 -32.34 -7.76
N MET B 266 8.38 -31.34 -7.14
CA MET B 266 8.94 -29.99 -7.24
C MET B 266 10.19 -29.86 -6.38
N LEU B 267 10.14 -30.36 -5.15
CA LEU B 267 11.23 -30.16 -4.21
C LEU B 267 12.51 -30.90 -4.62
N ARG B 268 12.42 -31.90 -5.48
CA ARG B 268 13.62 -32.63 -5.90
C ARG B 268 14.46 -31.86 -6.91
N THR B 269 13.95 -30.76 -7.44
CA THR B 269 14.71 -29.88 -8.31
C THR B 269 15.47 -28.81 -7.53
N VAL B 270 15.30 -28.77 -6.21
CA VAL B 270 15.88 -27.75 -5.36
C VAL B 270 17.29 -28.15 -4.94
N TYR B 271 18.22 -27.20 -5.03
CA TYR B 271 19.60 -27.44 -4.65
C TYR B 271 19.78 -27.37 -3.14
N CYS B 272 20.63 -28.24 -2.61
CA CYS B 272 20.90 -28.24 -1.17
C CYS B 272 22.39 -28.39 -0.90
N ASN B 273 22.88 -27.57 0.04
CA ASN B 273 24.26 -27.71 0.50
C ASN B 273 24.46 -29.03 1.23
N LYS B 274 23.57 -29.35 2.16
CA LYS B 274 23.66 -30.60 2.89
C LYS B 274 23.47 -31.78 1.96
N THR B 275 24.27 -32.83 2.17
CA THR B 275 24.17 -34.06 1.39
C THR B 275 23.38 -35.09 2.19
N PHE B 276 22.54 -35.85 1.48
CA PHE B 276 21.61 -36.76 2.12
C PHE B 276 21.80 -38.18 1.61
N PRO B 277 21.47 -39.19 2.42
CA PRO B 277 21.64 -40.58 1.96
C PRO B 277 20.78 -40.93 0.76
N THR B 278 19.57 -40.35 0.66
CA THR B 278 18.62 -40.72 -0.38
C THR B 278 17.85 -39.49 -0.81
N THR B 279 17.36 -39.54 -2.05
CA THR B 279 16.51 -38.46 -2.54
C THR B 279 15.32 -38.24 -1.61
N LYS B 280 14.72 -39.32 -1.13
CA LYS B 280 13.58 -39.18 -0.23
C LYS B 280 13.98 -38.47 1.06
N ALA B 281 15.18 -38.74 1.56
CA ALA B 281 15.62 -38.10 2.79
C ALA B 281 15.78 -36.60 2.60
N LYS B 282 16.28 -36.19 1.43
CA LYS B 282 16.41 -34.76 1.15
C LYS B 282 15.04 -34.09 1.12
N ILE B 283 14.10 -34.66 0.36
CA ILE B 283 12.78 -34.06 0.26
C ILE B 283 12.11 -33.99 1.63
N LEU B 284 12.24 -35.06 2.42
CA LEU B 284 11.64 -35.07 3.75
C LEU B 284 12.25 -33.99 4.63
N PHE B 285 13.54 -33.71 4.46
CA PHE B 285 14.17 -32.61 5.18
C PHE B 285 13.61 -31.27 4.72
N LEU B 286 13.59 -31.04 3.41
CA LEU B 286 13.10 -29.77 2.89
C LEU B 286 11.65 -29.51 3.32
N GLN B 287 10.79 -30.53 3.19
CA GLN B 287 9.39 -30.34 3.58
C GLN B 287 9.28 -29.93 5.03
N GLN B 288 10.04 -30.58 5.92
CA GLN B 288 10.00 -30.22 7.33
C GLN B 288 10.52 -28.80 7.54
N SER B 289 11.60 -28.43 6.84
CA SER B 289 12.13 -27.08 6.97
C SER B 289 11.13 -26.03 6.51
N ILE B 290 10.45 -26.29 5.39
CA ILE B 290 9.46 -25.35 4.88
C ILE B 290 8.26 -25.27 5.82
N PHE B 291 7.73 -26.42 6.23
CA PHE B 291 6.59 -26.42 7.15
C PHE B 291 6.99 -25.79 8.49
N ARG B 292 8.19 -26.09 8.99
CA ARG B 292 8.61 -25.54 10.26
C ARG B 292 8.65 -24.02 10.22
N PHE B 293 9.18 -23.45 9.13
CA PHE B 293 9.26 -22.00 8.98
C PHE B 293 7.87 -21.38 8.92
N LEU B 294 6.92 -22.05 8.27
CA LEU B 294 5.58 -21.53 8.08
C LEU B 294 4.63 -21.86 9.23
N ASN B 295 5.12 -22.57 10.25
CA ASN B 295 4.30 -22.96 11.40
C ASN B 295 3.14 -23.85 10.97
N ILE B 296 3.45 -24.90 10.23
CA ILE B 296 2.48 -25.86 9.75
C ILE B 296 2.80 -27.21 10.39
N PRO B 297 1.83 -27.88 11.04
CA PRO B 297 2.05 -29.22 11.59
C PRO B 297 2.44 -30.24 10.52
#